data_4GI5
#
_entry.id   4GI5
#
_cell.length_a   85.834
_cell.length_b   106.573
_cell.length_c   109.326
_cell.angle_alpha   90.000
_cell.angle_beta   90.000
_cell.angle_gamma   90.000
#
_symmetry.space_group_name_H-M   'P 21 21 21'
#
loop_
_entity.id
_entity.type
_entity.pdbx_description
1 polymer 'quinone reductase'
2 non-polymer 'FLAVIN-ADENINE DINUCLEOTIDE'
3 non-polymer 'UNKNOWN LIGAND'
4 non-polymer GLYCEROL
5 non-polymer 'CHLORIDE ION'
6 water water
#
_entity_poly.entity_id   1
_entity_poly.type   'polypeptide(L)'
_entity_poly.pdbx_seq_one_letter_code
;(MSE)HHHHHHSSGVDLGTENLYFQS(MSE)KVLLIYAHPEPRSLNGALKNFAIRHLQQAGHEVQVSDLYA(MSE)RWKA
GYDADDSGAPPVGEFWRPTLDSKQAFAQGTQSADIVAEQEKLLWADTVIFQFPLWWFS(MSE)PAI(MSE)KGWIDRVYA
WGFAYGVGEHSDRHWGDRYGEGTFVGKRA(MSE)LIVTAGGWAEHYSPRGINGPIDDILFPIQHG(MSE)LFYPGFEVLP
PLVFYRTDKTDAGQFADQCAALAERLDTLWQTEPIPFRRQNHGDYLIPSLTLRPELAPGQSGLAVHLA
;
_entity_poly.pdbx_strand_id   A,B
#
loop_
_chem_comp.id
_chem_comp.type
_chem_comp.name
_chem_comp.formula
CL non-polymer 'CHLORIDE ION' 'Cl -1'
FAD non-polymer 'FLAVIN-ADENINE DINUCLEOTIDE' 'C27 H33 N9 O15 P2'
GOL non-polymer GLYCEROL 'C3 H8 O3'
UNL non-polymer 'UNKNOWN LIGAND' ?
#
# COMPACT_ATOMS: atom_id res chain seq x y z
N SER A 22 33.73 1.88 -2.39
CA SER A 22 33.06 0.95 -3.38
C SER A 22 31.89 0.08 -2.77
N MSE A 23 30.66 0.39 -3.09
CA MSE A 23 29.48 -0.04 -2.27
C MSE A 23 28.72 -1.03 -3.09
O MSE A 23 28.99 -1.20 -4.29
CB MSE A 23 28.66 1.18 -1.98
CG MSE A 23 29.46 2.22 -1.19
SE MSE A 23 30.19 1.53 0.56
CE MSE A 23 28.88 1.75 2.04
N LYS A 24 27.83 -1.76 -2.45
CA LYS A 24 27.10 -2.82 -3.12
C LYS A 24 25.62 -2.31 -3.06
N VAL A 25 25.08 -2.00 -4.21
CA VAL A 25 23.72 -1.37 -4.26
C VAL A 25 22.78 -2.37 -4.94
N LEU A 26 21.61 -2.64 -4.31
CA LEU A 26 20.56 -3.44 -4.91
C LEU A 26 19.42 -2.51 -5.31
N LEU A 27 19.01 -2.57 -6.56
CA LEU A 27 17.86 -1.81 -7.06
C LEU A 27 16.71 -2.74 -7.28
N ILE A 28 15.61 -2.48 -6.57
CA ILE A 28 14.34 -3.26 -6.75
C ILE A 28 13.46 -2.33 -7.58
N TYR A 29 13.05 -2.83 -8.78
CA TYR A 29 12.49 -1.95 -9.83
C TYR A 29 11.21 -2.52 -10.35
N ALA A 30 10.15 -1.69 -10.32
CA ALA A 30 8.85 -2.14 -10.77
C ALA A 30 8.26 -1.24 -11.83
N HIS A 31 8.41 -1.59 -13.10
CA HIS A 31 7.66 -0.95 -14.16
C HIS A 31 7.60 -1.98 -15.34
N PRO A 32 6.43 -2.07 -15.98
CA PRO A 32 6.25 -3.05 -17.05
C PRO A 32 6.85 -2.70 -18.40
N GLU A 33 7.27 -1.49 -18.63
CA GLU A 33 7.69 -1.04 -20.01
C GLU A 33 9.09 -0.50 -19.92
N PRO A 34 10.03 -1.12 -20.63
CA PRO A 34 11.40 -0.67 -20.62
C PRO A 34 11.69 0.70 -21.19
N ARG A 35 10.85 1.18 -22.11
CA ARG A 35 11.00 2.50 -22.70
C ARG A 35 10.29 3.65 -21.90
N SER A 36 9.76 3.31 -20.75
CA SER A 36 9.10 4.27 -19.89
C SER A 36 10.10 5.30 -19.33
N LEU A 37 9.51 6.31 -18.76
CA LEU A 37 10.22 7.29 -17.98
C LEU A 37 10.96 6.52 -16.88
N ASN A 38 10.26 5.64 -16.16
CA ASN A 38 10.98 4.88 -15.12
C ASN A 38 12.16 4.07 -15.69
N GLY A 39 11.92 3.45 -16.84
CA GLY A 39 13.05 2.69 -17.48
C GLY A 39 14.24 3.55 -17.81
N ALA A 40 13.99 4.77 -18.20
CA ALA A 40 15.06 5.69 -18.48
C ALA A 40 15.83 6.10 -17.22
N LEU A 41 15.04 6.42 -16.16
CA LEU A 41 15.67 6.69 -14.84
C LEU A 41 16.44 5.54 -14.28
N LYS A 42 15.97 4.30 -14.44
CA LYS A 42 16.57 3.08 -13.93
C LYS A 42 17.94 2.95 -14.66
N ASN A 43 17.91 3.08 -15.97
CA ASN A 43 19.17 2.91 -16.70
C ASN A 43 20.18 3.97 -16.33
N PHE A 44 19.75 5.20 -16.20
CA PHE A 44 20.61 6.26 -15.77
C PHE A 44 21.26 5.93 -14.45
N ALA A 45 20.44 5.48 -13.47
CA ALA A 45 20.96 5.27 -12.11
C ALA A 45 21.98 4.14 -12.11
N ILE A 46 21.73 3.09 -12.84
CA ILE A 46 22.58 1.93 -12.86
C ILE A 46 23.96 2.37 -13.43
N ARG A 47 23.90 3.06 -14.54
CA ARG A 47 25.13 3.50 -15.19
C ARG A 47 25.87 4.49 -14.33
N HIS A 48 25.18 5.44 -13.73
CA HIS A 48 25.81 6.40 -12.86
C HIS A 48 26.56 5.74 -11.69
N LEU A 49 25.88 4.78 -11.03
CA LEU A 49 26.48 4.06 -9.92
C LEU A 49 27.73 3.21 -10.39
N GLN A 50 27.59 2.54 -11.52
CA GLN A 50 28.68 1.72 -12.02
C GLN A 50 29.87 2.64 -12.40
N GLN A 51 29.60 3.79 -12.97
CA GLN A 51 30.70 4.73 -13.37
C GLN A 51 31.38 5.27 -12.17
N ALA A 52 30.68 5.36 -11.06
CA ALA A 52 31.30 5.77 -9.82
C ALA A 52 32.13 4.66 -9.14
N GLY A 53 32.15 3.42 -9.61
CA GLY A 53 32.91 2.37 -9.04
C GLY A 53 32.08 1.44 -8.18
N HIS A 54 30.74 1.62 -8.11
CA HIS A 54 29.94 0.71 -7.24
C HIS A 54 29.43 -0.49 -7.95
N GLU A 55 29.17 -1.55 -7.22
CA GLU A 55 28.61 -2.78 -7.77
C GLU A 55 27.07 -2.75 -7.63
N VAL A 56 26.39 -3.14 -8.69
CA VAL A 56 24.89 -2.96 -8.73
C VAL A 56 24.28 -4.29 -9.05
N GLN A 57 23.28 -4.73 -8.31
CA GLN A 57 22.46 -5.82 -8.70
C GLN A 57 21.03 -5.23 -8.82
N VAL A 58 20.27 -5.81 -9.70
CA VAL A 58 18.93 -5.31 -10.06
C VAL A 58 17.98 -6.42 -9.90
N SER A 59 16.80 -6.11 -9.39
CA SER A 59 15.69 -7.02 -9.42
C SER A 59 14.59 -6.32 -10.20
N ASP A 60 14.51 -6.63 -11.50
CA ASP A 60 13.57 -5.98 -12.40
C ASP A 60 12.39 -6.94 -12.34
N LEU A 61 11.39 -6.65 -11.50
CA LEU A 61 10.35 -7.54 -11.16
C LEU A 61 9.55 -8.02 -12.36
N TYR A 62 9.16 -7.11 -13.27
CA TYR A 62 8.39 -7.52 -14.43
C TYR A 62 9.26 -8.40 -15.37
N ALA A 63 10.52 -8.02 -15.47
CA ALA A 63 11.43 -8.82 -16.44
C ALA A 63 11.59 -10.19 -15.89
N MSE A 64 11.65 -10.38 -14.56
CA MSE A 64 11.77 -11.69 -13.90
C MSE A 64 10.45 -12.46 -13.78
O MSE A 64 10.44 -13.56 -13.25
CB MSE A 64 12.34 -11.55 -12.47
CG MSE A 64 13.74 -11.00 -12.57
SE MSE A 64 14.67 -11.18 -10.80
CE MSE A 64 13.62 -9.98 -10.33
N ARG A 65 9.32 -11.89 -14.21
CA ARG A 65 8.02 -12.45 -14.05
C ARG A 65 7.72 -12.81 -12.61
N TRP A 66 8.00 -11.85 -11.75
CA TRP A 66 7.92 -12.07 -10.31
C TRP A 66 6.49 -12.51 -9.91
N LYS A 67 6.42 -13.57 -9.09
CA LYS A 67 5.17 -14.00 -8.55
C LYS A 67 4.75 -13.03 -7.38
N ALA A 68 3.61 -12.39 -7.51
CA ALA A 68 3.20 -11.41 -6.53
C ALA A 68 2.38 -11.89 -5.34
N GLY A 69 1.59 -12.96 -5.54
CA GLY A 69 0.64 -13.44 -4.52
C GLY A 69 1.27 -14.44 -3.60
N TYR A 70 1.57 -14.08 -2.37
CA TYR A 70 2.07 -15.03 -1.34
C TYR A 70 1.04 -16.18 -1.12
N ASP A 71 1.45 -17.46 -1.25
CA ASP A 71 0.52 -18.55 -0.98
C ASP A 71 1.36 -19.81 -0.56
N ALA A 72 0.61 -20.93 -0.47
CA ALA A 72 1.20 -22.13 0.09
C ALA A 72 2.25 -22.74 -0.78
N ASP A 73 2.25 -22.47 -2.05
CA ASP A 73 3.35 -22.89 -2.95
C ASP A 73 4.68 -22.28 -2.62
N ASP A 74 4.74 -21.24 -1.79
CA ASP A 74 6.02 -20.64 -1.44
C ASP A 74 6.79 -21.25 -0.33
N SER A 75 6.11 -22.10 0.47
CA SER A 75 6.74 -22.59 1.69
C SER A 75 7.46 -23.90 1.51
N GLY A 76 7.25 -24.60 0.37
CA GLY A 76 8.12 -25.77 0.03
C GLY A 76 7.79 -27.02 0.90
N ALA A 77 6.67 -27.09 1.58
CA ALA A 77 6.40 -28.19 2.54
C ALA A 77 4.92 -28.16 2.79
N PRO A 78 4.36 -29.28 3.26
CA PRO A 78 2.99 -29.23 3.73
C PRO A 78 2.78 -28.31 4.91
N PRO A 79 1.52 -28.03 5.18
CA PRO A 79 1.25 -27.15 6.29
C PRO A 79 1.79 -27.59 7.60
N VAL A 80 2.40 -26.67 8.33
CA VAL A 80 2.93 -27.01 9.61
C VAL A 80 1.87 -27.39 10.61
N GLY A 81 0.68 -26.77 10.60
CA GLY A 81 -0.43 -27.15 11.49
C GLY A 81 -1.59 -27.74 10.69
N GLU A 82 -2.81 -27.46 11.16
CA GLU A 82 -4.07 -28.10 10.61
C GLU A 82 -4.35 -27.59 9.23
N PHE A 83 -4.00 -26.31 9.00
CA PHE A 83 -4.15 -25.64 7.69
C PHE A 83 -3.03 -24.57 7.55
N TRP A 84 -2.64 -24.34 6.33
CA TRP A 84 -1.52 -23.42 6.02
C TRP A 84 -1.85 -22.04 6.60
N ARG A 85 -0.81 -21.45 7.17
CA ARG A 85 -0.98 -20.11 7.77
C ARG A 85 0.17 -19.25 7.21
N PRO A 86 -0.20 -18.07 6.67
CA PRO A 86 0.85 -17.19 6.12
C PRO A 86 1.99 -16.93 7.10
N THR A 87 1.71 -16.76 8.38
CA THR A 87 2.73 -16.54 9.38
C THR A 87 3.54 -17.77 9.74
N LEU A 88 2.89 -18.77 10.34
CA LEU A 88 3.61 -19.93 10.88
C LEU A 88 4.27 -20.77 9.78
N ASP A 89 3.71 -20.85 8.57
CA ASP A 89 4.37 -21.61 7.57
C ASP A 89 5.60 -20.91 6.98
N SER A 90 5.59 -19.56 7.06
CA SER A 90 6.86 -18.87 6.77
C SER A 90 7.93 -19.12 7.82
N LYS A 91 7.59 -19.04 9.10
CA LYS A 91 8.48 -19.28 10.18
C LYS A 91 9.21 -20.65 9.95
N GLN A 92 8.41 -21.65 9.63
CA GLN A 92 9.01 -22.97 9.38
C GLN A 92 9.80 -23.04 8.08
N ALA A 93 9.36 -22.42 6.98
CA ALA A 93 10.09 -22.49 5.71
C ALA A 93 11.44 -21.81 5.76
N PHE A 94 11.45 -20.66 6.45
CA PHE A 94 12.68 -19.93 6.58
C PHE A 94 13.67 -20.71 7.51
N ALA A 95 13.17 -21.25 8.62
CA ALA A 95 14.00 -21.95 9.63
C ALA A 95 14.51 -23.24 8.99
N GLN A 96 13.71 -23.90 8.18
CA GLN A 96 14.10 -25.24 7.65
C GLN A 96 14.72 -25.21 6.28
N GLY A 97 14.76 -24.04 5.60
CA GLY A 97 15.33 -23.93 4.24
C GLY A 97 14.50 -24.44 3.12
N THR A 98 13.17 -24.30 3.20
CA THR A 98 12.29 -24.80 2.14
C THR A 98 11.54 -23.71 1.39
N GLN A 99 11.93 -22.46 1.62
CA GLN A 99 11.27 -21.41 0.79
C GLN A 99 11.52 -21.59 -0.69
N SER A 100 10.63 -21.11 -1.50
CA SER A 100 10.84 -21.15 -2.94
C SER A 100 12.09 -20.40 -3.34
N ALA A 101 12.73 -20.89 -4.41
CA ALA A 101 14.02 -20.41 -4.79
C ALA A 101 14.12 -18.90 -5.20
N ASP A 102 13.03 -18.41 -5.79
CA ASP A 102 12.94 -16.95 -6.14
C ASP A 102 13.09 -16.09 -4.85
N ILE A 103 12.42 -16.52 -3.78
CA ILE A 103 12.47 -15.81 -2.49
C ILE A 103 13.87 -15.82 -1.91
N VAL A 104 14.48 -17.04 -1.94
CA VAL A 104 15.80 -17.19 -1.38
C VAL A 104 16.80 -16.28 -2.12
N ALA A 105 16.71 -16.23 -3.42
CA ALA A 105 17.61 -15.43 -4.18
C ALA A 105 17.53 -13.91 -3.88
N GLU A 106 16.28 -13.41 -3.66
CA GLU A 106 16.13 -12.07 -3.21
C GLU A 106 16.61 -11.80 -1.82
N GLN A 107 16.40 -12.74 -0.90
CA GLN A 107 16.90 -12.57 0.45
C GLN A 107 18.47 -12.48 0.39
N GLU A 108 19.06 -13.33 -0.47
N GLU A 108 19.11 -13.32 -0.44
CA GLU A 108 20.51 -13.31 -0.66
CA GLU A 108 20.57 -13.22 -0.52
C GLU A 108 21.02 -11.95 -1.17
C GLU A 108 21.05 -11.90 -1.18
N LYS A 109 20.26 -11.33 -2.08
CA LYS A 109 20.61 -10.02 -2.59
C LYS A 109 20.61 -8.97 -1.54
N LEU A 110 19.59 -9.05 -0.67
CA LEU A 110 19.44 -8.12 0.44
C LEU A 110 20.60 -8.25 1.42
N LEU A 111 21.00 -9.51 1.72
CA LEU A 111 22.09 -9.65 2.66
C LEU A 111 23.37 -9.10 1.99
N TRP A 112 23.54 -9.35 0.71
CA TRP A 112 24.70 -8.84 -0.06
C TRP A 112 24.84 -7.32 -0.06
N ALA A 113 23.69 -6.59 -0.13
CA ALA A 113 23.71 -5.15 -0.39
C ALA A 113 24.05 -4.32 0.84
N ASP A 114 24.69 -3.19 0.67
CA ASP A 114 24.82 -2.19 1.70
C ASP A 114 23.66 -1.19 1.58
N THR A 115 23.22 -0.97 0.36
CA THR A 115 22.21 0.09 0.10
C THR A 115 21.18 -0.50 -0.83
N VAL A 116 19.90 -0.29 -0.49
CA VAL A 116 18.81 -0.91 -1.29
C VAL A 116 17.93 0.28 -1.74
N ILE A 117 17.67 0.37 -3.04
CA ILE A 117 16.83 1.43 -3.62
C ILE A 117 15.63 0.77 -4.21
N PHE A 118 14.44 1.28 -3.89
CA PHE A 118 13.16 0.81 -4.45
C PHE A 118 12.62 1.89 -5.36
N GLN A 119 12.51 1.54 -6.66
CA GLN A 119 12.13 2.47 -7.68
C GLN A 119 10.82 2.04 -8.34
N PHE A 120 9.81 2.95 -8.33
CA PHE A 120 8.48 2.64 -8.84
C PHE A 120 7.66 3.88 -9.12
N PRO A 121 6.73 3.83 -10.08
CA PRO A 121 5.71 4.83 -10.17
C PRO A 121 4.72 4.66 -9.01
N LEU A 122 4.26 5.79 -8.54
CA LEU A 122 3.21 5.78 -7.55
C LEU A 122 1.92 5.43 -8.24
N TRP A 123 1.35 4.29 -7.81
CA TRP A 123 0.09 3.81 -8.33
C TRP A 123 -0.89 3.67 -7.15
N TRP A 124 -1.94 4.45 -7.20
CA TRP A 124 -2.93 4.42 -6.14
C TRP A 124 -2.35 4.62 -4.77
N PHE A 125 -1.49 5.64 -4.75
CA PHE A 125 -0.83 6.12 -3.53
C PHE A 125 0.04 5.08 -2.78
N SER A 126 0.64 4.18 -3.56
N SER A 126 0.51 4.00 -3.44
CA SER A 126 1.29 3.06 -3.02
CA SER A 126 1.47 3.05 -2.88
C SER A 126 2.20 2.40 -4.07
C SER A 126 2.21 2.41 -4.03
N MSE A 127 2.90 1.31 -3.68
CA MSE A 127 3.72 0.60 -4.69
C MSE A 127 2.76 -0.11 -5.63
O MSE A 127 1.74 -0.63 -5.26
CB MSE A 127 4.42 -0.54 -3.86
CG MSE A 127 5.55 0.02 -3.06
SE MSE A 127 6.05 -1.52 -1.85
CE MSE A 127 7.74 -0.81 -1.27
N PRO A 128 3.25 -0.31 -6.89
CA PRO A 128 2.63 -1.29 -7.78
C PRO A 128 2.54 -2.62 -7.06
N ALA A 129 1.49 -3.37 -7.39
CA ALA A 129 1.23 -4.67 -6.78
C ALA A 129 2.39 -5.62 -6.89
N ILE A 130 3.09 -5.60 -7.99
CA ILE A 130 4.21 -6.55 -8.14
C ILE A 130 5.31 -6.33 -7.07
N MSE A 131 5.53 -5.05 -6.76
CA MSE A 131 6.49 -4.66 -5.71
C MSE A 131 6.00 -4.97 -4.31
O MSE A 131 6.72 -5.50 -3.47
CB MSE A 131 7.00 -3.20 -5.82
CG MSE A 131 8.35 -2.95 -4.92
SE MSE A 131 8.57 -1.06 -5.15
CE MSE A 131 10.04 -1.44 -6.55
N LYS A 132 4.71 -4.73 -4.08
CA LYS A 132 4.11 -5.09 -2.81
C LYS A 132 4.27 -6.63 -2.62
N GLY A 133 4.20 -7.34 -3.73
CA GLY A 133 4.35 -8.81 -3.65
C GLY A 133 5.74 -9.30 -3.40
N TRP A 134 6.71 -8.54 -3.84
CA TRP A 134 8.13 -8.75 -3.43
C TRP A 134 8.24 -8.59 -1.92
N ILE A 135 7.64 -7.53 -1.39
CA ILE A 135 7.68 -7.28 0.07
C ILE A 135 6.98 -8.47 0.78
N ASP A 136 5.79 -8.83 0.38
CA ASP A 136 4.96 -9.83 1.05
C ASP A 136 5.72 -11.22 1.04
N ARG A 137 6.39 -11.53 -0.07
CA ARG A 137 6.99 -12.86 -0.19
C ARG A 137 8.43 -12.93 0.29
N VAL A 138 9.19 -11.85 0.19
CA VAL A 138 10.62 -11.83 0.63
C VAL A 138 10.82 -11.63 2.10
N TYR A 139 9.95 -10.79 2.68
CA TYR A 139 10.02 -10.45 4.07
C TYR A 139 9.49 -11.55 4.96
N ALA A 140 10.27 -12.62 5.10
CA ALA A 140 9.80 -13.78 5.81
C ALA A 140 9.86 -13.69 7.33
N TRP A 141 9.13 -14.62 8.00
CA TRP A 141 9.22 -14.76 9.40
C TRP A 141 10.56 -15.38 9.77
N GLY A 142 11.38 -14.66 10.55
CA GLY A 142 12.76 -15.04 10.86
C GLY A 142 13.71 -14.15 10.13
N PHE A 143 13.23 -13.42 9.09
CA PHE A 143 14.09 -12.57 8.27
C PHE A 143 13.72 -11.10 8.53
N ALA A 144 12.47 -10.72 8.14
CA ALA A 144 12.08 -9.34 8.29
C ALA A 144 11.21 -9.07 9.53
N TYR A 145 10.58 -10.11 10.06
CA TYR A 145 9.76 -9.99 11.24
C TYR A 145 9.76 -11.30 12.07
N GLY A 146 9.25 -11.21 13.31
CA GLY A 146 9.09 -12.36 14.22
C GLY A 146 10.41 -12.76 14.85
N VAL A 147 11.46 -11.92 14.74
CA VAL A 147 12.77 -12.21 15.35
C VAL A 147 12.79 -11.54 16.73
N GLY A 148 13.26 -12.26 17.73
CA GLY A 148 13.62 -11.71 19.05
C GLY A 148 12.63 -11.82 20.18
N GLU A 149 13.09 -11.31 21.34
CA GLU A 149 12.39 -11.39 22.59
C GLU A 149 11.16 -10.50 22.58
N HIS A 150 10.07 -11.02 23.12
CA HIS A 150 8.90 -10.23 23.47
C HIS A 150 8.73 -10.27 24.94
N SER A 151 8.85 -9.13 25.58
CA SER A 151 8.82 -9.01 27.04
C SER A 151 8.40 -7.61 27.39
N ASP A 152 8.53 -7.25 28.64
CA ASP A 152 8.34 -5.88 29.07
C ASP A 152 9.48 -4.93 28.70
N ARG A 153 10.60 -5.44 28.19
CA ARG A 153 11.67 -4.53 27.83
C ARG A 153 12.08 -4.58 26.33
N HIS A 154 11.42 -5.42 25.54
CA HIS A 154 11.82 -5.53 24.13
C HIS A 154 10.63 -6.18 23.46
N TRP A 155 10.25 -5.69 22.28
CA TRP A 155 9.12 -6.30 21.58
C TRP A 155 9.40 -6.63 20.13
N GLY A 156 10.25 -7.64 19.95
CA GLY A 156 10.70 -8.01 18.63
C GLY A 156 11.88 -7.15 18.18
N ASP A 157 12.76 -7.71 17.40
CA ASP A 157 13.89 -6.98 16.86
C ASP A 157 13.38 -6.21 15.60
N ARG A 158 12.87 -5.02 15.80
CA ARG A 158 12.32 -4.21 14.70
C ARG A 158 12.37 -2.75 15.05
N TYR A 159 12.06 -1.93 14.03
CA TYR A 159 12.00 -0.48 14.08
C TYR A 159 13.39 0.07 14.55
N GLY A 160 14.28 0.11 13.59
CA GLY A 160 15.64 0.61 13.82
C GLY A 160 16.53 -0.49 14.34
N GLU A 161 16.03 -1.73 14.33
CA GLU A 161 16.75 -2.94 14.65
C GLU A 161 16.22 -4.04 13.72
N GLY A 162 16.98 -5.12 13.61
CA GLY A 162 16.63 -6.24 12.73
C GLY A 162 17.70 -6.64 11.73
N THR A 163 17.32 -7.50 10.83
CA THR A 163 18.28 -8.10 9.90
C THR A 163 19.03 -7.08 9.07
N PHE A 164 18.35 -5.94 8.77
CA PHE A 164 18.92 -4.94 7.88
C PHE A 164 19.69 -3.81 8.53
N VAL A 165 19.92 -3.89 9.86
N VAL A 165 19.97 -3.94 9.84
CA VAL A 165 20.63 -2.85 10.56
CA VAL A 165 20.71 -2.90 10.53
C VAL A 165 22.01 -2.70 9.89
C VAL A 165 22.06 -2.71 9.85
N GLY A 166 22.49 -1.47 9.74
CA GLY A 166 23.70 -1.23 9.02
C GLY A 166 23.56 -0.98 7.53
N LYS A 167 22.37 -1.20 6.99
CA LYS A 167 22.10 -0.98 5.54
C LYS A 167 21.28 0.29 5.43
N ARG A 168 21.32 0.93 4.27
CA ARG A 168 20.59 2.13 4.02
C ARG A 168 19.56 1.73 2.95
N ALA A 169 18.44 2.44 2.92
CA ALA A 169 17.40 2.23 1.88
C ALA A 169 16.84 3.56 1.47
N MSE A 170 16.36 3.64 0.22
CA MSE A 170 15.76 4.86 -0.27
C MSE A 170 14.71 4.49 -1.35
O MSE A 170 14.90 3.54 -2.12
CB MSE A 170 16.87 5.66 -1.07
CG MSE A 170 16.35 7.00 -1.45
SE MSE A 170 17.84 7.97 -2.46
CE MSE A 170 17.96 7.09 -4.22
N LEU A 171 13.66 5.27 -1.42
CA LEU A 171 12.67 5.22 -2.46
C LEU A 171 12.95 6.25 -3.57
N ILE A 172 12.73 5.84 -4.80
CA ILE A 172 12.65 6.70 -5.93
C ILE A 172 11.30 6.54 -6.61
N VAL A 173 10.50 7.64 -6.48
CA VAL A 173 9.08 7.60 -6.80
C VAL A 173 8.72 8.65 -7.84
N THR A 174 8.04 8.22 -8.90
CA THR A 174 7.45 9.12 -9.87
C THR A 174 5.97 9.19 -9.60
N ALA A 175 5.43 10.42 -9.56
CA ALA A 175 4.02 10.67 -9.38
C ALA A 175 3.44 11.55 -10.43
N GLY A 176 2.17 11.30 -10.77
CA GLY A 176 1.49 12.18 -11.74
C GLY A 176 0.97 13.43 -11.12
N GLY A 177 0.62 13.41 -9.85
CA GLY A 177 0.09 14.59 -9.21
C GLY A 177 1.18 15.66 -9.02
N TRP A 178 0.71 16.89 -8.79
CA TRP A 178 1.64 18.06 -8.59
C TRP A 178 2.20 18.03 -7.16
N ALA A 179 3.37 18.63 -6.96
CA ALA A 179 3.92 18.79 -5.65
C ALA A 179 2.95 19.40 -4.65
N GLU A 180 2.25 20.45 -5.08
CA GLU A 180 1.29 21.10 -4.17
C GLU A 180 0.15 20.18 -3.71
N HIS A 181 -0.21 19.19 -4.55
CA HIS A 181 -1.28 18.26 -4.19
C HIS A 181 -0.86 17.34 -3.03
N TYR A 182 0.46 17.22 -2.76
CA TYR A 182 1.07 16.45 -1.69
C TYR A 182 1.72 17.26 -0.56
N SER A 183 1.37 18.54 -0.58
CA SER A 183 1.86 19.51 0.41
C SER A 183 1.15 19.26 1.72
N PRO A 184 1.51 20.02 2.77
CA PRO A 184 0.91 19.66 4.03
C PRO A 184 -0.60 19.75 4.16
N ARG A 185 -1.19 20.71 3.40
CA ARG A 185 -2.66 20.82 3.27
C ARG A 185 -3.23 20.37 1.90
N GLY A 186 -2.41 19.65 1.12
CA GLY A 186 -2.80 19.22 -0.19
C GLY A 186 -3.72 17.99 -0.11
N ILE A 187 -4.67 17.91 -1.01
CA ILE A 187 -5.72 16.92 -0.93
C ILE A 187 -5.29 15.49 -0.95
N ASN A 188 -4.15 15.20 -1.55
CA ASN A 188 -3.80 13.75 -1.61
C ASN A 188 -3.24 13.30 -0.27
N GLY A 189 -2.89 14.21 0.62
CA GLY A 189 -2.20 13.94 1.84
C GLY A 189 -0.68 14.32 1.71
N PRO A 190 -0.03 14.69 2.79
CA PRO A 190 1.38 15.02 2.71
C PRO A 190 2.17 13.80 2.23
N ILE A 191 3.08 14.04 1.31
CA ILE A 191 3.82 12.95 0.68
C ILE A 191 4.48 12.03 1.74
N ASP A 192 5.09 12.61 2.76
CA ASP A 192 5.76 11.78 3.74
C ASP A 192 4.83 10.99 4.63
N ASP A 193 3.59 11.47 4.79
CA ASP A 193 2.58 10.66 5.48
C ASP A 193 2.07 9.56 4.61
N ILE A 194 1.81 9.80 3.34
CA ILE A 194 1.36 8.77 2.38
C ILE A 194 2.44 7.70 2.31
N LEU A 195 3.71 8.05 2.37
CA LEU A 195 4.78 7.07 2.22
C LEU A 195 5.15 6.40 3.57
N PHE A 196 4.57 6.81 4.68
CA PHE A 196 4.85 6.23 6.02
C PHE A 196 4.72 4.72 6.12
N PRO A 197 3.64 4.16 5.63
CA PRO A 197 3.56 2.68 5.69
C PRO A 197 4.77 2.02 5.02
N ILE A 198 5.28 2.56 3.93
CA ILE A 198 6.48 2.04 3.29
C ILE A 198 7.76 2.38 4.02
N GLN A 199 8.00 3.68 4.25
CA GLN A 199 9.27 4.09 4.86
C GLN A 199 9.48 3.66 6.30
N HIS A 200 8.42 3.81 7.08
CA HIS A 200 8.52 3.36 8.49
C HIS A 200 8.13 1.89 8.63
N GLY A 201 7.05 1.47 7.95
CA GLY A 201 6.48 0.15 8.11
C GLY A 201 7.23 -0.96 7.41
N MSE A 202 7.86 -0.66 6.27
CA MSE A 202 8.53 -1.64 5.46
C MSE A 202 10.05 -1.52 5.43
O MSE A 202 10.77 -2.48 5.13
CB MSE A 202 8.05 -1.70 4.04
CG MSE A 202 6.58 -1.94 3.94
SE MSE A 202 5.96 -1.85 2.07
CE MSE A 202 4.21 -1.18 2.41
N LEU A 203 10.59 -0.32 5.68
CA LEU A 203 12.04 -0.11 5.56
C LEU A 203 12.66 0.09 6.96
N PHE A 204 12.16 1.00 7.77
CA PHE A 204 12.71 1.20 9.09
C PHE A 204 12.40 -0.08 9.96
N TYR A 205 11.25 -0.73 9.72
CA TYR A 205 10.76 -1.86 10.51
C TYR A 205 11.85 -2.95 10.58
N PRO A 206 12.37 -3.47 9.45
CA PRO A 206 13.42 -4.53 9.54
C PRO A 206 14.83 -4.02 9.72
N GLY A 207 14.97 -2.72 9.96
CA GLY A 207 16.25 -2.20 10.41
C GLY A 207 17.03 -1.28 9.50
N PHE A 208 16.52 -0.95 8.29
CA PHE A 208 17.22 -0.01 7.44
C PHE A 208 17.30 1.35 8.08
N GLU A 209 18.40 2.07 7.82
CA GLU A 209 18.37 3.53 7.95
C GLU A 209 17.75 4.03 6.66
N VAL A 210 16.72 4.80 6.79
CA VAL A 210 15.94 5.20 5.62
C VAL A 210 16.33 6.60 5.21
N LEU A 211 16.77 6.77 3.97
CA LEU A 211 17.11 8.09 3.50
C LEU A 211 15.88 8.80 3.04
N PRO A 212 15.91 10.15 3.01
CA PRO A 212 14.76 10.84 2.46
C PRO A 212 14.46 10.39 1.00
N PRO A 213 13.16 10.29 0.68
CA PRO A 213 12.82 9.72 -0.63
C PRO A 213 13.15 10.72 -1.72
N LEU A 214 13.37 10.22 -2.92
CA LEU A 214 13.44 11.09 -4.10
C LEU A 214 12.11 10.99 -4.84
N VAL A 215 11.33 12.05 -4.84
CA VAL A 215 9.99 11.98 -5.43
C VAL A 215 9.90 13.02 -6.52
N PHE A 216 9.55 12.58 -7.68
CA PHE A 216 9.31 13.46 -8.83
C PHE A 216 7.80 13.61 -9.12
N TYR A 217 7.37 14.83 -9.32
CA TYR A 217 5.99 15.19 -9.56
C TYR A 217 5.67 15.61 -10.97
N ARG A 218 4.38 15.61 -11.29
CA ARG A 218 3.89 15.94 -12.63
C ARG A 218 4.55 15.17 -13.71
N THR A 219 4.78 13.87 -13.46
CA THR A 219 5.63 13.06 -14.32
C THR A 219 4.99 12.69 -15.65
N ASP A 220 3.67 12.71 -15.80
CA ASP A 220 2.99 12.23 -17.02
C ASP A 220 3.24 13.23 -18.16
N LYS A 221 3.60 14.43 -17.83
CA LYS A 221 3.92 15.48 -18.82
C LYS A 221 5.41 15.76 -18.94
N THR A 222 6.27 14.88 -18.48
CA THR A 222 7.69 15.13 -18.52
C THR A 222 8.14 15.35 -19.99
N ASP A 223 8.84 16.46 -20.15
CA ASP A 223 9.49 16.83 -21.44
C ASP A 223 11.01 16.83 -21.26
N ALA A 224 11.78 17.24 -22.32
CA ALA A 224 13.23 17.12 -22.24
C ALA A 224 13.81 17.92 -21.06
N GLY A 225 13.25 19.10 -20.87
CA GLY A 225 13.76 19.96 -19.81
C GLY A 225 13.55 19.34 -18.40
N GLN A 226 12.34 18.86 -18.23
CA GLN A 226 11.94 18.21 -16.95
C GLN A 226 12.75 16.96 -16.70
N PHE A 227 13.03 16.15 -17.75
CA PHE A 227 13.82 14.98 -17.63
C PHE A 227 15.23 15.30 -17.27
N ALA A 228 15.76 16.38 -17.89
CA ALA A 228 17.09 16.83 -17.46
C ALA A 228 17.20 17.23 -15.99
N ASP A 229 16.18 17.90 -15.48
CA ASP A 229 16.08 18.27 -14.07
C ASP A 229 15.97 16.97 -13.18
N GLN A 230 15.16 15.99 -13.59
CA GLN A 230 15.10 14.71 -12.88
C GLN A 230 16.41 13.99 -12.83
N CYS A 231 17.08 13.86 -13.99
CA CYS A 231 18.37 13.28 -14.06
C CYS A 231 19.36 13.96 -13.10
N ALA A 232 19.36 15.27 -13.04
CA ALA A 232 20.34 15.98 -12.19
C ALA A 232 20.08 15.75 -10.72
N ALA A 233 18.80 15.74 -10.35
CA ALA A 233 18.39 15.41 -8.96
C ALA A 233 18.77 14.00 -8.60
N LEU A 234 18.51 13.05 -9.48
CA LEU A 234 18.82 11.71 -9.26
C LEU A 234 20.35 11.47 -9.09
N ALA A 235 21.12 12.05 -10.00
CA ALA A 235 22.60 12.00 -9.86
C ALA A 235 23.08 12.49 -8.50
N GLU A 236 22.54 13.61 -8.08
CA GLU A 236 22.92 14.25 -6.82
C GLU A 236 22.61 13.30 -5.64
N ARG A 237 21.41 12.71 -5.62
CA ARG A 237 21.14 11.70 -4.62
C ARG A 237 22.05 10.54 -4.63
N LEU A 238 22.36 10.02 -5.81
CA LEU A 238 23.21 8.90 -5.95
C LEU A 238 24.65 9.24 -5.50
N ASP A 239 25.05 10.45 -5.70
CA ASP A 239 26.45 10.85 -5.35
C ASP A 239 26.57 11.03 -3.84
N THR A 240 25.42 11.12 -3.10
CA THR A 240 25.42 11.34 -1.65
C THR A 240 24.80 10.25 -0.76
N LEU A 241 24.65 9.03 -1.31
CA LEU A 241 23.93 7.94 -0.63
C LEU A 241 24.53 7.65 0.75
N TRP A 242 25.85 7.79 0.92
N TRP A 242 25.84 7.90 0.84
CA TRP A 242 26.39 7.48 2.25
CA TRP A 242 26.60 7.52 2.00
C TRP A 242 26.70 8.73 3.04
C TRP A 242 26.88 8.72 2.86
N GLN A 243 26.37 9.89 2.50
CA GLN A 243 26.55 11.14 3.23
C GLN A 243 25.21 11.69 3.76
N THR A 244 24.10 11.36 3.11
CA THR A 244 22.85 12.00 3.43
C THR A 244 22.39 11.48 4.82
N GLU A 245 21.84 12.37 5.60
CA GLU A 245 21.33 11.97 6.92
C GLU A 245 19.99 11.17 6.74
N PRO A 246 19.88 10.11 7.46
CA PRO A 246 18.59 9.32 7.41
C PRO A 246 17.47 10.07 8.04
N ILE A 247 16.25 9.68 7.70
CA ILE A 247 15.04 10.14 8.38
C ILE A 247 15.17 9.77 9.86
N PRO A 248 14.91 10.73 10.77
CA PRO A 248 15.27 10.42 12.17
C PRO A 248 14.12 9.66 12.91
N PHE A 249 13.68 8.55 12.33
CA PHE A 249 12.68 7.71 12.97
C PHE A 249 13.19 7.23 14.33
N ARG A 250 12.27 7.02 15.28
CA ARG A 250 12.57 6.58 16.63
C ARG A 250 12.66 5.06 16.76
N ARG A 251 13.69 4.51 17.35
CA ARG A 251 13.76 3.09 17.60
C ARG A 251 12.69 2.68 18.59
N GLN A 252 12.10 1.51 18.40
CA GLN A 252 11.10 1.00 19.30
C GLN A 252 11.61 0.66 20.69
N ASN A 253 12.76 0.00 20.75
CA ASN A 253 13.09 -0.74 22.00
C ASN A 253 14.09 -0.03 22.88
N HIS A 254 14.47 1.20 22.56
CA HIS A 254 15.64 1.84 23.21
C HIS A 254 15.29 3.04 24.06
N GLY A 255 14.09 3.07 24.55
CA GLY A 255 13.59 4.02 25.56
C GLY A 255 12.59 5.02 25.18
N ASP A 256 12.38 5.28 23.84
CA ASP A 256 11.42 6.23 23.45
C ASP A 256 9.95 5.81 23.65
N TYR A 257 9.74 4.52 23.66
CA TYR A 257 8.41 3.94 23.76
C TYR A 257 8.24 3.08 25.05
N LEU A 258 7.05 3.13 25.56
CA LEU A 258 6.57 2.25 26.62
C LEU A 258 6.31 0.88 26.04
N ILE A 259 6.74 -0.17 26.75
CA ILE A 259 6.62 -1.57 26.28
C ILE A 259 5.80 -2.35 27.32
N PRO A 260 4.74 -3.05 26.91
CA PRO A 260 4.38 -3.48 25.55
C PRO A 260 3.31 -2.67 24.87
N SER A 261 2.88 -1.54 25.40
CA SER A 261 1.85 -0.77 24.76
C SER A 261 2.41 -0.14 23.42
N LEU A 262 3.72 0.02 23.38
CA LEU A 262 4.43 0.65 22.23
C LEU A 262 3.87 1.98 21.91
N THR A 263 3.62 2.80 22.94
CA THR A 263 3.18 4.14 22.77
C THR A 263 4.32 5.08 23.19
N LEU A 264 4.44 6.19 22.48
CA LEU A 264 5.56 7.10 22.77
C LEU A 264 5.45 7.61 24.21
N ARG A 265 6.57 7.54 24.89
CA ARG A 265 6.52 7.94 26.34
C ARG A 265 6.10 9.35 26.45
N PRO A 266 5.36 9.67 27.53
CA PRO A 266 4.58 10.89 27.52
C PRO A 266 5.36 12.22 27.54
N GLU A 267 6.61 12.24 28.00
CA GLU A 267 7.38 13.46 27.92
C GLU A 267 7.88 13.79 26.56
N LEU A 268 7.83 12.83 25.61
CA LEU A 268 8.30 13.07 24.22
C LEU A 268 7.09 13.49 23.33
N ALA A 269 7.31 14.48 22.45
CA ALA A 269 6.25 15.14 21.68
C ALA A 269 5.04 15.38 22.52
N PRO A 270 5.21 16.08 23.62
CA PRO A 270 4.15 16.06 24.63
C PRO A 270 2.90 16.73 24.14
N GLY A 271 1.79 16.08 24.37
CA GLY A 271 0.53 16.62 23.92
C GLY A 271 0.24 16.31 22.45
N GLN A 272 1.15 15.63 21.75
CA GLN A 272 0.96 15.55 20.29
C GLN A 272 0.63 14.08 19.97
N SER A 273 0.07 13.88 18.77
CA SER A 273 -0.21 12.55 18.35
C SER A 273 -0.12 12.47 16.83
N GLY A 274 -0.21 11.25 16.28
CA GLY A 274 -0.13 11.11 14.81
C GLY A 274 1.27 10.73 14.34
N LEU A 275 1.41 10.69 13.01
CA LEU A 275 2.62 10.13 12.41
C LEU A 275 3.86 10.93 12.75
N ALA A 276 3.69 12.19 12.98
CA ALA A 276 4.85 13.04 13.15
C ALA A 276 5.55 12.73 14.47
N VAL A 277 4.89 12.12 15.46
CA VAL A 277 5.54 11.89 16.78
C VAL A 277 6.63 10.84 16.74
N HIS A 278 6.74 10.09 15.61
CA HIS A 278 7.73 9.01 15.43
C HIS A 278 9.04 9.46 14.82
N LEU A 279 9.19 10.78 14.66
CA LEU A 279 10.45 11.37 14.26
C LEU A 279 10.94 12.28 15.40
N ALA A 280 12.21 12.19 15.67
CA ALA A 280 12.82 13.09 16.71
C ALA A 280 13.37 14.31 16.01
N PHE B 20 -39.12 -3.64 2.12
CA PHE B 20 -37.83 -4.27 2.56
C PHE B 20 -36.61 -3.51 2.01
N GLN B 21 -36.27 -3.73 0.72
CA GLN B 21 -35.04 -3.24 0.00
C GLN B 21 -33.76 -4.09 0.17
N SER B 22 -33.77 -5.14 -0.64
CA SER B 22 -32.63 -6.02 -0.91
C SER B 22 -31.48 -5.22 -1.62
N MSE B 23 -30.36 -5.12 -0.94
CA MSE B 23 -29.12 -4.40 -1.41
C MSE B 23 -28.24 -5.35 -2.19
O MSE B 23 -28.40 -6.52 -2.10
CB MSE B 23 -28.46 -3.81 -0.19
CG MSE B 23 -29.48 -2.88 0.52
SE MSE B 23 -29.98 -1.26 -0.55
CE MSE B 23 -31.30 -1.74 -1.96
N LYS B 24 -27.35 -4.80 -3.03
CA LYS B 24 -26.48 -5.58 -3.88
C LYS B 24 -25.09 -5.33 -3.29
N VAL B 25 -24.49 -6.39 -2.75
CA VAL B 25 -23.20 -6.22 -1.99
C VAL B 25 -22.14 -6.98 -2.75
N LEU B 26 -20.99 -6.32 -3.04
CA LEU B 26 -19.85 -6.96 -3.70
C LEU B 26 -18.74 -7.10 -2.64
N LEU B 27 -18.25 -8.26 -2.45
CA LEU B 27 -17.14 -8.54 -1.49
C LEU B 27 -15.89 -8.89 -2.27
N ILE B 28 -14.88 -8.02 -2.15
CA ILE B 28 -13.53 -8.27 -2.72
C ILE B 28 -12.74 -8.87 -1.61
N TYR B 29 -12.19 -10.08 -1.77
CA TYR B 29 -11.63 -10.90 -0.68
C TYR B 29 -10.25 -11.40 -1.09
N ALA B 30 -9.24 -11.15 -0.26
CA ALA B 30 -7.87 -11.54 -0.49
C ALA B 30 -7.26 -12.36 0.62
N HIS B 31 -7.36 -13.70 0.54
CA HIS B 31 -6.61 -14.56 1.44
C HIS B 31 -6.39 -15.86 0.71
N PRO B 32 -5.16 -16.36 0.75
CA PRO B 32 -4.84 -17.59 0.04
C PRO B 32 -5.42 -18.92 0.65
N GLU B 33 -5.91 -18.89 1.86
CA GLU B 33 -6.33 -20.16 2.55
C GLU B 33 -7.77 -20.10 3.02
N PRO B 34 -8.64 -20.97 2.48
CA PRO B 34 -10.03 -20.96 2.79
C PRO B 34 -10.37 -21.30 4.20
N ARG B 35 -9.50 -22.09 4.90
CA ARG B 35 -9.72 -22.38 6.33
C ARG B 35 -9.14 -21.35 7.35
N SER B 36 -8.66 -20.20 6.82
CA SER B 36 -8.08 -19.17 7.66
C SER B 36 -9.12 -18.47 8.45
N LEU B 37 -8.69 -17.68 9.41
CA LEU B 37 -9.56 -16.75 10.07
C LEU B 37 -10.35 -15.91 9.09
N ASN B 38 -9.64 -15.29 8.13
CA ASN B 38 -10.32 -14.54 7.09
C ASN B 38 -11.38 -15.35 6.29
N GLY B 39 -11.04 -16.56 5.99
CA GLY B 39 -12.00 -17.39 5.30
C GLY B 39 -13.29 -17.57 6.15
N ALA B 40 -13.10 -17.82 7.42
CA ALA B 40 -14.23 -17.96 8.37
C ALA B 40 -15.10 -16.72 8.41
N LEU B 41 -14.45 -15.53 8.53
CA LEU B 41 -15.20 -14.33 8.54
C LEU B 41 -15.90 -13.99 7.27
N LYS B 42 -15.28 -14.34 6.14
CA LYS B 42 -15.87 -14.15 4.83
C LYS B 42 -17.17 -15.00 4.73
N ASN B 43 -17.05 -16.25 5.13
CA ASN B 43 -18.24 -17.12 5.01
C ASN B 43 -19.36 -16.68 5.90
N PHE B 44 -19.05 -16.22 7.10
CA PHE B 44 -19.99 -15.62 8.01
C PHE B 44 -20.65 -14.45 7.37
N ALA B 45 -19.86 -13.52 6.79
CA ALA B 45 -20.45 -12.30 6.26
C ALA B 45 -21.38 -12.59 5.09
N ILE B 46 -20.96 -13.49 4.22
CA ILE B 46 -21.76 -13.81 3.01
C ILE B 46 -23.10 -14.41 3.52
N ARG B 47 -23.00 -15.38 4.42
CA ARG B 47 -24.28 -15.97 4.95
C ARG B 47 -25.13 -14.99 5.68
N HIS B 48 -24.56 -14.13 6.48
CA HIS B 48 -25.31 -13.15 7.22
C HIS B 48 -26.07 -12.24 6.27
N LEU B 49 -25.38 -11.76 5.22
CA LEU B 49 -26.02 -10.85 4.26
C LEU B 49 -27.15 -11.56 3.44
N GLN B 50 -26.89 -12.80 3.07
CA GLN B 50 -27.87 -13.58 2.29
C GLN B 50 -29.13 -13.86 3.15
N GLN B 51 -28.92 -14.18 4.40
CA GLN B 51 -30.05 -14.42 5.34
C GLN B 51 -30.84 -13.16 5.60
N ALA B 52 -30.22 -11.97 5.49
CA ALA B 52 -30.97 -10.73 5.63
C ALA B 52 -31.72 -10.32 4.38
N GLY B 53 -31.56 -11.05 3.32
CA GLY B 53 -32.27 -10.77 2.09
C GLY B 53 -31.48 -10.04 1.01
N HIS B 54 -30.14 -9.82 1.23
CA HIS B 54 -29.35 -9.13 0.21
C HIS B 54 -28.74 -10.03 -0.78
N GLU B 55 -28.40 -9.52 -1.95
CA GLU B 55 -27.78 -10.28 -2.93
C GLU B 55 -26.23 -9.99 -2.79
N VAL B 56 -25.45 -11.02 -3.00
CA VAL B 56 -23.96 -10.94 -2.71
C VAL B 56 -23.23 -11.49 -3.90
N GLN B 57 -22.30 -10.74 -4.50
CA GLN B 57 -21.32 -11.30 -5.38
C GLN B 57 -19.92 -11.21 -4.69
N VAL B 58 -19.06 -12.12 -5.04
CA VAL B 58 -17.73 -12.28 -4.37
C VAL B 58 -16.70 -12.30 -5.39
N SER B 59 -15.59 -11.56 -5.13
CA SER B 59 -14.42 -11.72 -5.95
C SER B 59 -13.34 -12.26 -5.03
N ASP B 60 -13.16 -13.59 -5.04
CA ASP B 60 -12.19 -14.25 -4.24
C ASP B 60 -10.95 -14.32 -5.07
N LEU B 61 -10.05 -13.35 -4.85
CA LEU B 61 -8.93 -13.18 -5.79
C LEU B 61 -7.98 -14.35 -5.94
N TYR B 62 -7.64 -15.01 -4.85
CA TYR B 62 -6.79 -16.18 -4.92
C TYR B 62 -7.56 -17.35 -5.69
N ALA B 63 -8.83 -17.49 -5.40
CA ALA B 63 -9.62 -18.64 -6.02
C ALA B 63 -9.69 -18.38 -7.50
N MSE B 64 -9.76 -17.11 -7.94
CA MSE B 64 -9.88 -16.74 -9.36
C MSE B 64 -8.49 -16.70 -10.05
O MSE B 64 -8.41 -16.39 -11.19
CB MSE B 64 -10.51 -15.33 -9.48
CG MSE B 64 -11.89 -15.28 -8.99
SE MSE B 64 -12.18 -13.22 -8.72
CE MSE B 64 -13.12 -13.87 -10.07
N ARG B 65 -7.41 -16.93 -9.33
CA ARG B 65 -6.01 -16.83 -9.79
C ARG B 65 -5.82 -15.44 -10.46
N TRP B 66 -6.24 -14.46 -9.73
CA TRP B 66 -6.30 -13.07 -10.24
C TRP B 66 -4.88 -12.61 -10.63
N LYS B 67 -4.73 -12.03 -11.82
CA LYS B 67 -3.49 -11.50 -12.25
C LYS B 67 -3.16 -10.17 -11.57
N ALA B 68 -2.06 -10.12 -10.84
CA ALA B 68 -1.80 -8.88 -10.06
C ALA B 68 -1.02 -7.75 -10.75
N GLY B 69 -0.14 -8.04 -11.70
CA GLY B 69 0.76 -7.10 -12.29
C GLY B 69 0.20 -6.46 -13.52
N TYR B 70 -0.22 -5.22 -13.45
CA TYR B 70 -0.77 -4.51 -14.63
C TYR B 70 0.34 -4.44 -15.69
N ASP B 71 0.02 -4.78 -16.95
CA ASP B 71 1.02 -4.75 -18.02
C ASP B 71 0.30 -4.69 -19.38
N ALA B 72 1.10 -4.68 -20.43
CA ALA B 72 0.62 -4.41 -21.80
C ALA B 72 -0.33 -5.48 -22.30
N ASP B 73 -0.34 -6.62 -21.68
CA ASP B 73 -1.29 -7.68 -22.08
C ASP B 73 -2.72 -7.33 -21.65
N ASP B 74 -2.90 -6.37 -20.73
CA ASP B 74 -4.25 -5.99 -20.29
C ASP B 74 -4.99 -5.06 -21.19
N SER B 75 -4.33 -4.45 -22.18
CA SER B 75 -4.93 -3.35 -22.96
C SER B 75 -5.58 -3.85 -24.24
N GLY B 76 -5.28 -5.13 -24.62
CA GLY B 76 -5.98 -5.77 -25.76
C GLY B 76 -5.68 -5.14 -27.15
N ALA B 77 -4.60 -4.40 -27.27
CA ALA B 77 -4.28 -3.57 -28.51
C ALA B 77 -2.87 -3.20 -28.48
N PRO B 78 -2.29 -2.88 -29.64
CA PRO B 78 -0.95 -2.38 -29.65
C PRO B 78 -0.87 -1.04 -28.94
N PRO B 79 0.35 -0.60 -28.59
CA PRO B 79 0.47 0.70 -27.92
C PRO B 79 -0.13 1.81 -28.68
N VAL B 80 -0.81 2.71 -28.03
CA VAL B 80 -1.36 3.81 -28.67
C VAL B 80 -0.34 4.80 -29.21
N GLY B 81 0.77 5.03 -28.52
CA GLY B 81 1.85 5.90 -29.00
C GLY B 81 3.07 5.08 -29.31
N GLU B 82 4.22 5.66 -29.01
CA GLU B 82 5.47 5.03 -29.45
C GLU B 82 5.86 3.86 -28.63
N PHE B 83 5.42 3.87 -27.33
CA PHE B 83 5.65 2.72 -26.48
C PHE B 83 4.43 2.70 -25.49
N TRP B 84 4.15 1.55 -24.97
CA TRP B 84 3.00 1.34 -24.14
C TRP B 84 3.15 2.24 -22.87
N ARG B 85 2.06 2.86 -22.44
CA ARG B 85 2.06 3.68 -21.23
C ARG B 85 0.92 3.25 -20.33
N PRO B 86 1.26 2.93 -19.05
CA PRO B 86 0.15 2.54 -18.15
C PRO B 86 -1.07 3.43 -18.18
N THR B 87 -0.85 4.70 -18.27
CA THR B 87 -1.97 5.62 -18.29
C THR B 87 -2.76 5.62 -19.64
N LEU B 88 -2.10 6.08 -20.69
CA LEU B 88 -2.81 6.34 -21.94
C LEU B 88 -3.29 5.07 -22.58
N ASP B 89 -2.64 3.96 -22.38
CA ASP B 89 -3.08 2.71 -22.93
C ASP B 89 -4.34 2.20 -22.26
N SER B 90 -4.49 2.48 -20.98
CA SER B 90 -5.78 2.28 -20.29
C SER B 90 -6.85 3.18 -20.83
N LYS B 91 -6.55 4.43 -21.01
CA LYS B 91 -7.53 5.43 -21.49
C LYS B 91 -8.13 4.88 -22.83
N GLN B 92 -7.26 4.44 -23.70
CA GLN B 92 -7.74 3.86 -25.00
C GLN B 92 -8.47 2.52 -24.82
N ALA B 93 -7.94 1.59 -24.01
CA ALA B 93 -8.59 0.30 -23.81
C ALA B 93 -9.96 0.42 -23.24
N PHE B 94 -10.12 1.30 -22.28
CA PHE B 94 -11.42 1.47 -21.65
C PHE B 94 -12.40 2.14 -22.67
N ALA B 95 -11.95 3.16 -23.36
CA ALA B 95 -12.81 3.90 -24.32
C ALA B 95 -13.18 3.01 -25.51
N GLN B 96 -12.30 2.18 -25.97
CA GLN B 96 -12.48 1.33 -27.21
C GLN B 96 -13.03 -0.02 -26.89
N GLY B 97 -13.06 -0.43 -25.62
CA GLY B 97 -13.59 -1.71 -25.29
C GLY B 97 -12.69 -2.88 -25.50
N THR B 98 -11.40 -2.74 -25.25
CA THR B 98 -10.45 -3.79 -25.45
C THR B 98 -9.79 -4.34 -24.21
N GLN B 99 -10.20 -3.89 -23.04
CA GLN B 99 -9.54 -4.38 -21.85
C GLN B 99 -9.64 -5.89 -21.73
N SER B 100 -8.72 -6.51 -21.00
CA SER B 100 -8.87 -7.93 -20.74
C SER B 100 -10.17 -8.29 -20.06
N ALA B 101 -10.69 -9.49 -20.35
CA ALA B 101 -12.03 -9.83 -19.87
C ALA B 101 -12.16 -9.92 -18.37
N ASP B 102 -11.09 -10.32 -17.65
CA ASP B 102 -11.10 -10.32 -16.15
C ASP B 102 -11.39 -8.92 -15.61
N ILE B 103 -10.74 -7.92 -16.16
CA ILE B 103 -10.95 -6.51 -15.79
C ILE B 103 -12.36 -6.09 -16.02
N VAL B 104 -12.86 -6.41 -17.20
CA VAL B 104 -14.22 -5.97 -17.57
C VAL B 104 -15.24 -6.58 -16.61
N ALA B 105 -15.10 -7.83 -16.22
CA ALA B 105 -16.06 -8.47 -15.32
C ALA B 105 -16.06 -7.86 -13.92
N GLU B 106 -14.86 -7.45 -13.47
CA GLU B 106 -14.82 -6.70 -12.19
C GLU B 106 -15.47 -5.35 -12.24
N GLN B 107 -15.23 -4.61 -13.34
CA GLN B 107 -15.83 -3.35 -13.50
C GLN B 107 -17.37 -3.47 -13.51
N GLU B 108 -17.86 -4.52 -14.19
CA GLU B 108 -19.36 -4.75 -14.20
C GLU B 108 -19.88 -5.07 -12.80
N LYS B 109 -19.11 -5.82 -11.99
CA LYS B 109 -19.51 -6.09 -10.60
C LYS B 109 -19.64 -4.82 -9.80
N LEU B 110 -18.67 -3.91 -9.96
CA LEU B 110 -18.70 -2.68 -9.23
C LEU B 110 -19.91 -1.83 -9.65
N LEU B 111 -20.16 -1.76 -10.94
CA LEU B 111 -21.37 -1.00 -11.41
C LEU B 111 -22.68 -1.59 -10.88
N TRP B 112 -22.73 -2.91 -10.76
CA TRP B 112 -23.90 -3.60 -10.19
C TRP B 112 -24.13 -3.33 -8.75
N ALA B 113 -23.02 -3.29 -7.95
CA ALA B 113 -23.12 -3.14 -6.53
C ALA B 113 -23.56 -1.80 -6.01
N ASP B 114 -24.32 -1.82 -4.90
CA ASP B 114 -24.62 -0.63 -4.11
C ASP B 114 -23.56 -0.45 -3.01
N THR B 115 -22.98 -1.56 -2.53
CA THR B 115 -22.07 -1.54 -1.41
C THR B 115 -20.93 -2.50 -1.73
N VAL B 116 -19.72 -2.06 -1.49
CA VAL B 116 -18.54 -2.82 -1.82
C VAL B 116 -17.68 -2.97 -0.59
N ILE B 117 -17.37 -4.20 -0.23
CA ILE B 117 -16.61 -4.47 0.96
C ILE B 117 -15.28 -5.12 0.55
N PHE B 118 -14.17 -4.59 1.08
CA PHE B 118 -12.83 -5.13 0.83
C PHE B 118 -12.38 -5.81 2.11
N GLN B 119 -12.08 -7.12 2.02
CA GLN B 119 -11.71 -7.87 3.16
C GLN B 119 -10.32 -8.50 2.94
N PHE B 120 -9.43 -8.20 3.90
CA PHE B 120 -8.04 -8.62 3.82
C PHE B 120 -7.32 -8.62 5.15
N PRO B 121 -6.33 -9.53 5.33
CA PRO B 121 -5.36 -9.36 6.43
C PRO B 121 -4.46 -8.17 6.11
N LEU B 122 -4.12 -7.41 7.12
CA LEU B 122 -3.11 -6.37 7.00
C LEU B 122 -1.77 -6.99 6.81
N TRP B 123 -1.13 -6.76 5.67
CA TRP B 123 0.18 -7.34 5.38
C TRP B 123 1.11 -6.11 5.07
N TRP B 124 2.08 -5.93 5.96
CA TRP B 124 3.03 -4.81 5.77
C TRP B 124 2.28 -3.51 5.61
N PHE B 125 1.36 -3.36 6.51
CA PHE B 125 0.60 -2.11 6.68
C PHE B 125 -0.18 -1.67 5.48
N SER B 126 -0.64 -2.64 4.69
N SER B 126 -0.57 -2.60 4.59
CA SER B 126 -1.24 -2.32 3.45
CA SER B 126 -1.42 -2.26 3.47
C SER B 126 -2.05 -3.55 2.99
C SER B 126 -2.13 -3.54 3.02
N MSE B 127 -2.70 -3.46 1.82
CA MSE B 127 -3.36 -4.63 1.24
C MSE B 127 -2.34 -5.65 0.84
O MSE B 127 -1.29 -5.34 0.31
CB MSE B 127 -4.08 -4.11 -0.03
CG MSE B 127 -5.31 -3.29 0.27
SE MSE B 127 -5.74 -2.48 -1.56
CE MSE B 127 -7.56 -1.93 -1.06
N PRO B 128 -2.73 -6.93 0.90
CA PRO B 128 -1.94 -7.98 0.17
C PRO B 128 -1.77 -7.58 -1.31
N ALA B 129 -0.62 -7.90 -1.88
CA ALA B 129 -0.36 -7.61 -3.27
C ALA B 129 -1.46 -7.96 -4.24
N ILE B 130 -2.10 -9.12 -4.09
CA ILE B 130 -3.07 -9.53 -5.06
C ILE B 130 -4.28 -8.56 -5.10
N MSE B 131 -4.61 -8.01 -3.94
CA MSE B 131 -5.70 -7.01 -3.81
C MSE B 131 -5.24 -5.67 -4.41
O MSE B 131 -6.01 -4.99 -5.09
CB MSE B 131 -6.32 -6.76 -2.39
CG MSE B 131 -7.79 -6.03 -2.47
SE MSE B 131 -8.05 -5.84 -0.59
CE MSE B 131 -9.39 -7.37 -0.85
N LYS B 132 -4.02 -5.25 -4.10
CA LYS B 132 -3.49 -4.05 -4.74
C LYS B 132 -3.48 -4.22 -6.25
N GLY B 133 -3.27 -5.42 -6.75
CA GLY B 133 -3.33 -5.65 -8.19
C GLY B 133 -4.72 -5.59 -8.80
N TRP B 134 -5.73 -5.95 -8.03
CA TRP B 134 -7.09 -5.66 -8.36
C TRP B 134 -7.35 -4.16 -8.54
N ILE B 135 -6.90 -3.37 -7.57
CA ILE B 135 -6.99 -1.92 -7.70
C ILE B 135 -6.29 -1.48 -8.96
N ASP B 136 -5.02 -1.84 -9.13
CA ASP B 136 -4.23 -1.29 -10.21
C ASP B 136 -4.83 -1.61 -11.58
N ARG B 137 -5.37 -2.80 -11.71
CA ARG B 137 -5.89 -3.27 -13.00
C ARG B 137 -7.35 -2.92 -13.26
N VAL B 138 -8.17 -2.89 -12.25
CA VAL B 138 -9.61 -2.64 -12.44
C VAL B 138 -9.88 -1.13 -12.53
N TYR B 139 -9.08 -0.30 -11.80
CA TYR B 139 -9.36 1.11 -11.70
C TYR B 139 -8.81 1.84 -12.91
N ALA B 140 -9.44 1.62 -14.05
CA ALA B 140 -8.95 2.19 -15.31
C ALA B 140 -9.15 3.72 -15.52
N TRP B 141 -8.41 4.21 -16.48
CA TRP B 141 -8.52 5.56 -16.95
C TRP B 141 -9.84 5.75 -17.69
N GLY B 142 -10.73 6.54 -17.20
CA GLY B 142 -12.11 6.66 -17.74
C GLY B 142 -13.09 6.02 -16.82
N PHE B 143 -12.61 5.23 -15.79
CA PHE B 143 -13.48 4.44 -14.92
C PHE B 143 -13.29 4.99 -13.48
N ALA B 144 -12.09 4.81 -12.92
CA ALA B 144 -11.77 5.32 -11.59
C ALA B 144 -10.98 6.60 -11.49
N TYR B 145 -10.26 6.92 -12.52
CA TYR B 145 -9.54 8.17 -12.65
C TYR B 145 -9.52 8.66 -14.07
N GLY B 146 -9.03 9.88 -14.24
CA GLY B 146 -9.01 10.43 -15.60
C GLY B 146 -10.38 10.94 -16.09
N VAL B 147 -11.37 11.02 -15.23
CA VAL B 147 -12.72 11.36 -15.65
C VAL B 147 -12.88 12.87 -15.34
N GLY B 148 -13.56 13.59 -16.20
CA GLY B 148 -13.98 14.98 -15.89
C GLY B 148 -13.07 16.02 -16.43
N GLU B 149 -13.52 17.23 -16.31
CA GLU B 149 -12.77 18.36 -16.76
C GLU B 149 -11.79 18.88 -15.76
N HIS B 150 -10.83 19.65 -16.30
CA HIS B 150 -9.88 20.39 -15.53
C HIS B 150 -10.04 21.88 -15.85
N SER B 151 -10.57 22.63 -14.92
CA SER B 151 -10.97 24.00 -15.21
C SER B 151 -10.74 24.87 -14.05
N ASP B 152 -11.30 26.09 -14.07
CA ASP B 152 -11.05 26.97 -12.96
C ASP B 152 -11.34 26.42 -11.60
N ARG B 153 -12.53 25.87 -11.39
CA ARG B 153 -12.98 25.40 -10.09
C ARG B 153 -13.35 23.94 -10.12
N HIS B 154 -12.73 23.15 -11.02
CA HIS B 154 -13.00 21.74 -10.99
C HIS B 154 -11.75 21.01 -11.48
N TRP B 155 -11.33 19.98 -10.79
CA TRP B 155 -10.03 19.37 -11.23
C TRP B 155 -10.15 17.82 -11.30
N GLY B 156 -10.88 17.35 -12.29
CA GLY B 156 -11.30 15.97 -12.38
C GLY B 156 -12.48 15.66 -11.51
N ASP B 157 -13.23 14.62 -11.91
CA ASP B 157 -14.34 14.14 -11.13
C ASP B 157 -13.82 13.13 -10.10
N ARG B 158 -13.37 13.58 -8.95
CA ARG B 158 -12.85 12.69 -7.92
C ARG B 158 -13.02 13.34 -6.58
N TYR B 159 -12.76 12.55 -5.56
CA TYR B 159 -12.82 12.89 -4.19
C TYR B 159 -14.25 13.32 -3.78
N GLY B 160 -15.10 12.31 -3.68
CA GLY B 160 -16.54 12.49 -3.46
C GLY B 160 -17.36 12.65 -4.73
N GLU B 161 -16.74 12.52 -5.90
CA GLU B 161 -17.37 12.45 -7.19
C GLU B 161 -16.69 11.32 -7.93
N GLY B 162 -17.28 10.92 -9.01
CA GLY B 162 -16.79 9.85 -9.86
C GLY B 162 -17.79 8.80 -10.12
N THR B 163 -17.30 7.70 -10.70
CA THR B 163 -18.13 6.59 -11.14
C THR B 163 -18.88 5.95 -10.02
N PHE B 164 -18.33 5.99 -8.78
CA PHE B 164 -18.92 5.28 -7.69
C PHE B 164 -19.81 6.11 -6.76
N VAL B 165 -20.11 7.34 -7.16
CA VAL B 165 -21.01 8.18 -6.37
C VAL B 165 -22.35 7.44 -6.16
N GLY B 166 -22.84 7.50 -4.95
CA GLY B 166 -24.07 6.78 -4.61
C GLY B 166 -23.84 5.43 -4.02
N LYS B 167 -22.57 4.96 -4.06
CA LYS B 167 -22.28 3.60 -3.53
C LYS B 167 -21.56 3.80 -2.26
N ARG B 168 -21.55 2.78 -1.41
CA ARG B 168 -20.84 2.80 -0.07
C ARG B 168 -19.76 1.72 -0.15
N ALA B 169 -18.68 1.97 0.56
CA ALA B 169 -17.52 1.00 0.68
C ALA B 169 -17.06 0.94 2.10
N MSE B 170 -16.51 -0.20 2.51
CA MSE B 170 -16.01 -0.40 3.87
C MSE B 170 -14.85 -1.43 3.77
O MSE B 170 -14.91 -2.34 2.94
CB MSE B 170 -17.10 -1.12 4.69
CG MSE B 170 -16.64 -1.23 6.08
SE MSE B 170 -18.16 -2.08 7.17
CE MSE B 170 -18.13 -3.95 6.63
N LEU B 171 -13.86 -1.29 4.61
CA LEU B 171 -12.84 -2.29 4.76
C LEU B 171 -13.14 -3.19 5.95
N ILE B 172 -12.74 -4.45 5.84
CA ILE B 172 -12.69 -5.36 6.94
C ILE B 172 -11.30 -5.92 7.00
N VAL B 173 -10.55 -5.54 8.00
CA VAL B 173 -9.13 -5.80 8.14
C VAL B 173 -8.82 -6.53 9.43
N THR B 174 -7.99 -7.56 9.31
CA THR B 174 -7.44 -8.24 10.45
C THR B 174 -5.95 -7.94 10.60
N ALA B 175 -5.52 -7.66 11.80
CA ALA B 175 -4.14 -7.26 12.07
C ALA B 175 -3.56 -8.10 13.19
N GLY B 176 -2.30 -8.42 13.06
CA GLY B 176 -1.62 -9.12 14.14
C GLY B 176 -1.25 -8.27 15.33
N GLY B 177 -0.97 -6.98 15.11
CA GLY B 177 -0.55 -6.10 16.21
C GLY B 177 -1.72 -5.80 17.16
N TRP B 178 -1.37 -5.26 18.34
CA TRP B 178 -2.38 -4.87 19.32
C TRP B 178 -3.05 -3.56 18.95
N ALA B 179 -4.25 -3.31 19.46
CA ALA B 179 -4.93 -2.11 19.20
C ALA B 179 -4.06 -0.89 19.68
N GLU B 180 -3.39 -1.08 20.82
CA GLU B 180 -2.60 0.06 21.39
C GLU B 180 -1.44 0.46 20.43
N HIS B 181 -0.96 -0.52 19.68
CA HIS B 181 0.12 -0.30 18.74
C HIS B 181 -0.27 0.56 17.57
N TYR B 182 -1.56 0.75 17.37
CA TYR B 182 -2.17 1.55 16.34
C TYR B 182 -2.97 2.74 16.88
N SER B 183 -2.75 3.08 18.17
CA SER B 183 -3.37 4.18 18.88
C SER B 183 -2.73 5.47 18.45
N PRO B 184 -3.27 6.60 18.88
CA PRO B 184 -2.68 7.86 18.34
C PRO B 184 -1.18 8.07 18.50
N ARG B 185 -0.57 7.56 19.58
CA ARG B 185 0.89 7.59 19.83
C ARG B 185 1.50 6.24 19.73
N GLY B 186 0.78 5.28 19.13
CA GLY B 186 1.30 3.90 18.95
C GLY B 186 2.31 3.79 17.76
N ILE B 187 3.31 2.98 17.95
CA ILE B 187 4.48 2.95 17.04
C ILE B 187 4.14 2.64 15.59
N ASN B 188 3.08 1.89 15.36
CA ASN B 188 2.77 1.57 13.96
C ASN B 188 2.16 2.72 13.18
N GLY B 189 1.76 3.77 13.87
CA GLY B 189 0.95 4.83 13.34
C GLY B 189 -0.52 4.68 13.64
N PRO B 190 -1.27 5.76 13.73
CA PRO B 190 -2.70 5.59 14.03
C PRO B 190 -3.36 4.81 12.91
N ILE B 191 -4.21 3.82 13.26
CA ILE B 191 -4.84 3.02 12.18
C ILE B 191 -5.51 3.80 11.10
N ASP B 192 -6.24 4.88 11.40
CA ASP B 192 -6.90 5.62 10.37
C ASP B 192 -5.95 6.41 9.44
N ASP B 193 -4.75 6.72 9.94
CA ASP B 193 -3.78 7.36 9.09
C ASP B 193 -3.11 6.32 8.21
N ILE B 194 -2.73 5.13 8.74
CA ILE B 194 -2.19 4.09 7.90
C ILE B 194 -3.15 3.64 6.79
N LEU B 195 -4.44 3.65 7.07
CA LEU B 195 -5.45 3.30 6.09
C LEU B 195 -5.84 4.46 5.10
N PHE B 196 -5.37 5.70 5.36
CA PHE B 196 -5.76 6.82 4.54
C PHE B 196 -5.49 6.65 3.04
N PRO B 197 -4.33 6.11 2.63
CA PRO B 197 -4.15 5.93 1.16
C PRO B 197 -5.22 5.05 0.55
N ILE B 198 -5.71 4.08 1.32
CA ILE B 198 -6.81 3.23 0.84
C ILE B 198 -8.17 3.98 0.93
N GLN B 199 -8.50 4.40 2.14
CA GLN B 199 -9.85 4.91 2.35
C GLN B 199 -10.06 6.24 1.62
N HIS B 200 -9.08 7.13 1.69
CA HIS B 200 -9.21 8.43 0.97
C HIS B 200 -8.75 8.29 -0.47
N GLY B 201 -7.62 7.58 -0.70
CA GLY B 201 -7.03 7.52 -2.01
C GLY B 201 -7.59 6.54 -3.00
N MSE B 202 -8.23 5.48 -2.49
CA MSE B 202 -8.75 4.42 -3.33
C MSE B 202 -10.28 4.32 -3.31
O MSE B 202 -10.91 3.75 -4.24
CB MSE B 202 -8.13 3.03 -3.06
CG MSE B 202 -6.62 3.07 -3.21
SE MSE B 202 -5.97 1.27 -2.67
CE MSE B 202 -4.27 1.88 -2.03
N LEU B 203 -10.91 4.75 -2.22
CA LEU B 203 -12.35 4.59 -2.03
C LEU B 203 -13.06 5.94 -2.22
N PHE B 204 -12.68 6.92 -1.42
CA PHE B 204 -13.33 8.26 -1.56
C PHE B 204 -12.95 8.84 -2.91
N TYR B 205 -11.75 8.57 -3.42
CA TYR B 205 -11.25 9.12 -4.70
C TYR B 205 -12.24 8.91 -5.85
N PRO B 206 -12.68 7.68 -6.15
CA PRO B 206 -13.62 7.48 -7.27
C PRO B 206 -15.13 7.64 -6.87
N GLY B 207 -15.36 8.11 -5.68
CA GLY B 207 -16.65 8.64 -5.23
C GLY B 207 -17.46 7.84 -4.28
N PHE B 208 -16.90 6.77 -3.67
CA PHE B 208 -17.61 6.03 -2.66
C PHE B 208 -17.90 6.94 -1.47
N GLU B 209 -19.02 6.68 -0.78
CA GLU B 209 -19.13 7.06 0.65
C GLU B 209 -18.40 5.97 1.46
N VAL B 210 -17.38 6.35 2.23
CA VAL B 210 -16.60 5.37 2.90
C VAL B 210 -17.07 5.23 4.36
N LEU B 211 -17.47 4.03 4.73
CA LEU B 211 -17.82 3.79 6.10
C LEU B 211 -16.60 3.60 6.96
N PRO B 212 -16.68 3.84 8.28
CA PRO B 212 -15.57 3.50 9.18
C PRO B 212 -15.17 2.06 9.05
N PRO B 213 -13.89 1.78 9.03
CA PRO B 213 -13.45 0.40 8.82
C PRO B 213 -13.76 -0.48 10.02
N LEU B 214 -13.85 -1.78 9.77
CA LEU B 214 -13.93 -2.76 10.83
C LEU B 214 -12.56 -3.42 10.93
N VAL B 215 -11.86 -3.12 11.97
CA VAL B 215 -10.52 -3.63 12.19
C VAL B 215 -10.42 -4.46 13.47
N PHE B 216 -9.94 -5.69 13.28
CA PHE B 216 -9.68 -6.60 14.36
C PHE B 216 -8.18 -6.67 14.67
N TYR B 217 -7.83 -6.68 15.98
CA TYR B 217 -6.45 -6.68 16.40
C TYR B 217 -6.06 -7.97 17.09
N ARG B 218 -4.78 -8.23 17.23
CA ARG B 218 -4.26 -9.43 17.87
C ARG B 218 -4.83 -10.69 17.30
N THR B 219 -4.93 -10.74 15.99
CA THR B 219 -5.67 -11.80 15.37
C THR B 219 -4.95 -13.12 15.28
N ASP B 220 -3.63 -13.15 15.38
CA ASP B 220 -2.90 -14.38 15.25
C ASP B 220 -3.20 -15.37 16.40
N LYS B 221 -3.66 -14.88 17.54
CA LYS B 221 -3.95 -15.76 18.65
C LYS B 221 -5.43 -15.99 18.82
N THR B 222 -6.24 -15.62 17.86
CA THR B 222 -7.68 -15.75 17.96
C THR B 222 -8.05 -17.20 18.43
N ASP B 223 -8.84 -17.22 19.46
CA ASP B 223 -9.47 -18.45 19.99
C ASP B 223 -10.98 -18.42 19.86
N ALA B 224 -11.70 -19.43 20.46
CA ALA B 224 -13.17 -19.39 20.17
C ALA B 224 -13.83 -18.18 20.71
N GLY B 225 -13.42 -17.69 21.87
CA GLY B 225 -14.11 -16.61 22.44
C GLY B 225 -13.85 -15.26 21.73
N GLN B 226 -12.62 -15.14 21.28
CA GLN B 226 -12.26 -13.93 20.44
C GLN B 226 -12.98 -13.96 19.10
N PHE B 227 -13.07 -15.11 18.49
CA PHE B 227 -13.84 -15.27 17.30
C PHE B 227 -15.31 -14.94 17.46
N ALA B 228 -15.92 -15.38 18.58
CA ALA B 228 -17.28 -14.99 18.81
C ALA B 228 -17.40 -13.46 18.93
N ASP B 229 -16.45 -12.81 19.58
CA ASP B 229 -16.50 -11.37 19.64
C ASP B 229 -16.40 -10.72 18.20
N GLN B 230 -15.46 -11.25 17.40
CA GLN B 230 -15.31 -10.77 16.02
C GLN B 230 -16.58 -10.93 15.25
N CYS B 231 -17.20 -12.12 15.32
CA CYS B 231 -18.44 -12.37 14.62
C CYS B 231 -19.52 -11.41 15.03
N ALA B 232 -19.64 -11.12 16.35
CA ALA B 232 -20.71 -10.21 16.82
C ALA B 232 -20.53 -8.79 16.27
N ALA B 233 -19.26 -8.36 16.28
CA ALA B 233 -18.90 -7.02 15.73
C ALA B 233 -19.17 -6.93 14.23
N LEU B 234 -18.81 -7.99 13.49
CA LEU B 234 -19.05 -8.08 12.11
C LEU B 234 -20.56 -8.03 11.78
N ALA B 235 -21.34 -8.81 12.51
CA ALA B 235 -22.75 -8.86 12.20
C ALA B 235 -23.35 -7.47 12.44
N GLU B 236 -22.93 -6.80 13.46
CA GLU B 236 -23.44 -5.45 13.82
C GLU B 236 -23.11 -4.47 12.72
N ARG B 237 -21.87 -4.54 12.15
CA ARG B 237 -21.60 -3.70 10.99
C ARG B 237 -22.40 -4.00 9.75
N LEU B 238 -22.59 -5.29 9.47
CA LEU B 238 -23.32 -5.67 8.32
C LEU B 238 -24.84 -5.31 8.44
N ASP B 239 -25.33 -5.31 9.64
CA ASP B 239 -26.76 -4.92 9.96
C ASP B 239 -26.97 -3.43 9.77
N THR B 240 -25.90 -2.60 9.77
CA THR B 240 -26.07 -1.16 9.77
C THR B 240 -25.39 -0.49 8.55
N LEU B 241 -25.06 -1.25 7.51
CA LEU B 241 -24.34 -0.74 6.38
C LEU B 241 -24.93 0.53 5.76
N TRP B 242 -26.26 0.59 5.78
CA TRP B 242 -26.97 1.71 5.18
C TRP B 242 -27.46 2.72 6.22
N GLN B 243 -27.12 2.56 7.49
CA GLN B 243 -27.45 3.51 8.52
C GLN B 243 -26.19 4.19 9.06
N THR B 244 -25.00 3.58 8.97
CA THR B 244 -23.81 4.15 9.65
C THR B 244 -23.39 5.42 8.91
N GLU B 245 -22.97 6.40 9.65
CA GLU B 245 -22.56 7.67 9.04
C GLU B 245 -21.17 7.40 8.32
N PRO B 246 -21.06 7.83 7.07
CA PRO B 246 -19.71 7.79 6.44
C PRO B 246 -18.70 8.64 7.04
N ILE B 247 -17.43 8.29 6.81
CA ILE B 247 -16.33 9.17 7.20
C ILE B 247 -16.55 10.51 6.44
N PRO B 248 -16.41 11.65 7.14
CA PRO B 248 -16.87 12.93 6.53
C PRO B 248 -15.65 13.60 5.75
N PHE B 249 -15.11 12.86 4.78
CA PHE B 249 -14.07 13.38 3.98
C PHE B 249 -14.60 14.60 3.17
N ARG B 250 -13.73 15.54 2.92
CA ARG B 250 -14.09 16.80 2.24
C ARG B 250 -14.10 16.59 0.73
N ARG B 251 -15.10 17.05 0.01
CA ARG B 251 -15.09 17.00 -1.43
C ARG B 251 -14.07 17.95 -2.05
N GLN B 252 -13.47 17.53 -3.17
CA GLN B 252 -12.44 18.35 -3.76
C GLN B 252 -12.96 19.66 -4.43
N ASN B 253 -14.07 19.50 -5.14
CA ASN B 253 -14.42 20.52 -6.19
C ASN B 253 -15.53 21.49 -5.75
N HIS B 254 -15.85 21.57 -4.49
CA HIS B 254 -17.06 22.36 -4.13
C HIS B 254 -16.79 23.41 -3.11
N GLY B 255 -15.59 23.93 -3.10
CA GLY B 255 -15.18 25.09 -2.35
C GLY B 255 -14.19 24.92 -1.27
N ASP B 256 -14.04 23.71 -0.74
CA ASP B 256 -13.14 23.53 0.36
C ASP B 256 -11.65 23.66 -0.01
N TYR B 257 -11.32 23.37 -1.29
CA TYR B 257 -9.95 23.43 -1.77
C TYR B 257 -9.75 24.50 -2.83
N LEU B 258 -8.60 25.13 -2.76
CA LEU B 258 -8.16 25.97 -3.85
C LEU B 258 -7.79 25.13 -5.04
N ILE B 259 -8.09 25.58 -6.26
CA ILE B 259 -7.90 24.87 -7.47
C ILE B 259 -7.04 25.79 -8.36
N PRO B 260 -5.97 25.32 -8.95
CA PRO B 260 -5.49 23.86 -9.01
C PRO B 260 -4.43 23.47 -8.03
N SER B 261 -4.14 24.26 -7.02
CA SER B 261 -3.12 23.87 -6.00
C SER B 261 -3.67 22.68 -5.18
N LEU B 262 -5.02 22.54 -5.10
CA LEU B 262 -5.73 21.51 -4.30
C LEU B 262 -5.26 21.51 -2.86
N THR B 263 -5.12 22.70 -2.29
CA THR B 263 -4.80 22.87 -0.90
C THR B 263 -6.02 23.38 -0.15
N LEU B 264 -6.19 22.92 1.09
CA LEU B 264 -7.38 23.23 1.85
C LEU B 264 -7.43 24.79 2.09
N ARG B 265 -8.54 25.39 1.74
CA ARG B 265 -8.55 26.89 1.90
C ARG B 265 -8.23 27.34 3.32
N PRO B 266 -7.58 28.49 3.43
CA PRO B 266 -6.93 28.86 4.73
C PRO B 266 -7.91 29.00 5.91
N GLU B 267 -9.14 29.34 5.63
CA GLU B 267 -10.07 29.42 6.76
C GLU B 267 -10.57 28.14 7.32
N LEU B 268 -10.38 27.02 6.62
CA LEU B 268 -10.77 25.75 7.17
C LEU B 268 -9.59 25.08 7.87
N ALA B 269 -9.87 24.42 9.02
CA ALA B 269 -8.91 23.85 9.88
C ALA B 269 -7.72 24.78 10.04
N PRO B 270 -8.01 26.05 10.43
CA PRO B 270 -6.92 27.07 10.33
C PRO B 270 -5.70 26.79 11.20
N GLY B 271 -4.57 26.99 10.59
CA GLY B 271 -3.29 26.72 11.24
C GLY B 271 -2.93 25.22 11.38
N GLN B 272 -3.79 24.32 10.85
CA GLN B 272 -3.52 22.88 10.95
C GLN B 272 -3.01 22.32 9.61
N SER B 273 -2.36 21.15 9.71
CA SER B 273 -1.94 20.50 8.51
C SER B 273 -1.97 18.95 8.72
N GLY B 274 -1.81 18.19 7.66
CA GLY B 274 -1.76 16.77 7.78
C GLY B 274 -3.10 16.13 7.42
N LEU B 275 -3.15 14.81 7.65
CA LEU B 275 -4.26 14.03 7.21
C LEU B 275 -5.59 14.45 7.81
N ALA B 276 -5.58 14.89 9.04
CA ALA B 276 -6.84 15.24 9.69
C ALA B 276 -7.58 16.40 9.11
N VAL B 277 -6.92 17.27 8.36
CA VAL B 277 -7.59 18.47 7.79
C VAL B 277 -8.60 18.09 6.73
N HIS B 278 -8.59 16.84 6.21
CA HIS B 278 -9.44 16.44 5.13
C HIS B 278 -10.76 15.85 5.62
N LEU B 279 -10.97 15.92 6.93
CA LEU B 279 -12.23 15.54 7.52
C LEU B 279 -13.00 16.80 7.95
N ALA B 280 -14.25 16.85 7.62
CA ALA B 280 -15.12 17.99 8.02
C ALA B 280 -15.68 17.70 9.41
PA FAD C . 5.60 7.06 -18.80
O1A FAD C . 6.44 6.01 -19.34
O2A FAD C . 4.10 7.04 -18.96
O5B FAD C . 6.20 8.45 -19.34
C5B FAD C . 5.73 9.68 -18.83
C4B FAD C . 6.20 10.80 -19.69
O4B FAD C . 7.61 10.92 -19.57
C3B FAD C . 5.85 10.50 -21.14
O3B FAD C . 5.31 11.76 -21.57
C2B FAD C . 7.21 10.25 -21.72
O2B FAD C . 7.26 10.57 -23.13
C1B FAD C . 8.14 11.08 -20.88
N9A FAD C . 9.52 10.54 -21.00
C8A FAD C . 10.02 9.20 -21.00
N7A FAD C . 11.34 9.14 -21.15
C5A FAD C . 11.63 10.41 -21.32
C6A FAD C . 12.93 11.00 -21.66
N6A FAD C . 13.91 10.04 -21.77
N1A FAD C . 13.06 12.34 -21.81
C2A FAD C . 11.99 13.08 -21.73
N3A FAD C . 10.76 12.53 -21.37
C4A FAD C . 10.58 11.28 -21.13
N1 FAD C . -0.03 9.57 -9.65
C2 FAD C . -0.20 10.08 -8.44
O2 FAD C . 0.31 11.18 -8.17
N3 FAD C . -0.77 9.37 -7.43
C4 FAD C . -1.43 8.23 -7.70
O4 FAD C . -1.99 7.60 -6.77
C4X FAD C . -1.36 7.64 -8.98
N5 FAD C . -2.09 6.48 -9.26
C5X FAD C . -1.83 5.85 -10.51
C6 FAD C . -2.38 4.56 -10.74
C7 FAD C . -2.16 3.97 -11.99
C7M FAD C . -2.68 2.59 -12.19
C8 FAD C . -1.43 4.68 -13.00
C8M FAD C . -1.13 4.03 -14.34
C9 FAD C . -0.88 5.94 -12.80
C9A FAD C . -1.10 6.54 -11.53
N10 FAD C . -0.51 7.80 -11.22
C10 FAD C . -0.63 8.39 -9.97
C1' FAD C . 0.38 8.44 -12.17
C2' FAD C . 1.74 7.71 -12.16
O2' FAD C . 2.47 7.89 -10.93
C3' FAD C . 2.55 8.26 -13.34
O3' FAD C . 1.86 7.77 -14.52
C4' FAD C . 3.97 7.64 -13.39
O4' FAD C . 4.74 8.17 -12.31
C5' FAD C . 4.69 7.95 -14.72
O5' FAD C . 5.91 7.22 -14.80
P FAD C . 6.03 6.16 -16.04
O1P FAD C . 7.45 5.58 -15.96
O2P FAD C . 4.90 5.23 -16.12
O3P FAD C . 5.92 7.27 -17.19
O2 UNL D . 2.36 -5.19 13.82
C UNL D . 2.91 -6.38 13.72
O1 UNL D . 3.05 -6.80 14.92
C1 UNL D . 3.51 -7.00 12.36
C6 UNL D . 3.67 -8.34 12.07
C5 UNL D . 4.29 -8.74 10.84
C4 UNL D . 4.84 -7.81 9.87
C3 UNL D . 4.64 -6.41 10.06
C2 UNL D . 4.02 -6.15 11.40
C1 GOL E . -0.63 12.73 9.86
O1 GOL E . -0.79 13.95 9.12
C2 GOL E . -1.09 13.03 11.21
O2 GOL E . -0.92 11.75 11.72
C3 GOL E . -0.26 14.13 11.89
O3 GOL E . 1.13 13.70 12.14
CL CL F . 8.23 9.94 29.83
CL CL G . 8.62 -8.33 14.55
PA FAD H . -4.93 -17.35 10.33
O1A FAD H . -5.63 -18.16 9.32
O2A FAD H . -3.49 -17.39 10.59
O5B FAD H . -5.61 -17.60 11.80
C5B FAD H . -5.38 -16.81 12.98
C4B FAD H . -5.93 -17.53 14.16
O4B FAD H . -7.34 -17.46 14.08
C3B FAD H . -5.47 -18.96 14.26
O3B FAD H . -5.05 -19.13 15.61
C2B FAD H . -6.76 -19.68 13.98
O2B FAD H . -6.82 -21.01 14.53
C1B FAD H . -7.86 -18.81 14.48
N9A FAD H . -9.14 -19.14 13.80
C8A FAD H . -9.43 -19.47 12.44
N7A FAD H . -10.71 -19.72 12.24
C5A FAD H . -11.17 -19.68 13.53
C6A FAD H . -12.46 -19.98 14.17
N6A FAD H . -13.38 -20.26 13.32
N1A FAD H . -12.64 -19.83 15.52
C2A FAD H . -11.63 -19.43 16.29
N3A FAD H . -10.38 -19.19 15.75
C4A FAD H . -10.23 -19.29 14.47
N1 FAD H . 0.03 -7.53 11.26
C2 FAD H . 0.00 -6.21 11.52
O2 FAD H . -0.60 -5.73 12.58
N3 FAD H . 0.60 -5.29 10.69
C4 FAD H . 1.36 -5.68 9.63
O4 FAD H . 1.82 -4.85 8.84
C4X FAD H . 1.42 -7.09 9.36
N5 FAD H . 2.11 -7.53 8.26
C5X FAD H . 2.07 -8.91 7.93
C6 FAD H . 2.64 -9.35 6.83
C7 FAD H . 2.54 -10.66 6.42
C7M FAD H . 3.19 -11.13 5.16
C8 FAD H . 1.87 -11.59 7.25
C8M FAD H . 1.81 -13.04 6.85
C9 FAD H . 1.29 -11.18 8.40
C9A FAD H . 1.34 -9.81 8.77
N10 FAD H . 0.66 -9.31 9.86
C10 FAD H . 0.65 -7.96 10.18
C1' FAD H . -0.17 -10.19 10.71
C2' FAD H . -1.47 -10.39 9.94
O2' FAD H . -2.31 -9.25 9.80
C3' FAD H . -2.32 -11.53 10.59
O3' FAD H . -1.48 -12.71 10.44
C4' FAD H . -3.66 -11.80 9.89
O4' FAD H . -4.52 -10.75 10.15
C5' FAD H . -4.32 -13.06 10.49
O5' FAD H . -5.43 -13.38 9.72
P FAD H . -5.42 -14.81 8.92
O1P FAD H . -6.72 -14.95 8.24
O2P FAD H . -4.23 -15.00 8.09
O3P FAD H . -5.35 -15.76 10.23
O2 UNL I . -3.50 13.03 -9.88
C UNL I . -3.20 11.79 -10.26
O1 UNL I . -2.39 11.67 -11.31
C1 UNL I . -3.78 10.38 -9.80
C6 UNL I . -4.18 9.82 -8.58
C5 UNL I . -4.64 8.39 -8.33
C4 UNL I . -4.79 7.62 -9.46
C3 UNL I . -4.38 8.16 -10.69
C2 UNL I . -3.88 9.51 -10.86
C1 GOL J . -6.60 1.58 17.45
O1 GOL J . -6.06 1.91 18.70
C2 GOL J . -8.12 1.73 17.44
O2 GOL J . -8.68 0.99 18.57
C3 GOL J . -8.58 3.18 17.48
O3 GOL J . -7.54 4.12 17.76
C1 GOL K . -10.19 28.53 -7.77
O1 GOL K . -9.81 28.21 -6.42
C2 GOL K . -8.92 28.85 -8.67
O2 GOL K . -8.26 30.18 -8.96
C3 GOL K . -9.21 28.18 -9.93
O3 GOL K . -8.24 28.46 -11.14
C1 GOL L . -10.16 -9.21 18.46
O1 GOL L . -9.59 -9.47 17.15
C2 GOL L . -11.49 -8.40 18.29
O2 GOL L . -12.53 -8.50 19.26
C3 GOL L . -11.18 -6.92 18.03
O3 GOL L . -9.88 -6.44 18.14
CL CL M . -8.61 11.88 -11.76
C1 GOL N . -7.36 10.58 10.84
O1 GOL N . -7.58 11.87 11.36
C2 GOL N . -6.97 10.86 9.37
O2 GOL N . -6.56 9.70 8.62
C3 GOL N . -8.20 11.50 8.75
O3 GOL N . -8.14 11.90 7.40
#